data_8IKR
#
_entry.id   8IKR
#
_cell.length_a   86.876
_cell.length_b   86.876
_cell.length_c   150.675
_cell.angle_alpha   90.00
_cell.angle_beta   90.00
_cell.angle_gamma   90.00
#
_symmetry.space_group_name_H-M   'P 4 21 2'
#
_entity_poly.entity_id   1
_entity_poly.type   'polypeptide(L)'
_entity_poly.pdbx_seq_one_letter_code
;MGLLGSSSSTTPVSKEYKQQLMGSPVYIQIFKEERTLDLYVKMGEQYQLLDSYKICKYSGGLGPKQRQGDFKSPEGFYSV
QRNQLKPDSRYYKAINIGFPNAYDRAHGYEGKYLMIHGDCVSIGCYAMTNQGIDEIFQFVTGALVFGQPSVQVSIYPFRM
TDANMKRHKYSNFKDFWEQLKPGYDYFEQTRKPPTVSVVNGRYVVSKPLSHEVVQPQLASNYTLPEAKLEHHHHHH
;
_entity_poly.pdbx_strand_id   A,B
#
# COMPACT_ATOMS: atom_id res chain seq x y z
N LYS A 18 9.91 1.79 14.56
CA LYS A 18 8.79 2.52 13.91
C LYS A 18 8.96 2.42 12.41
N GLN A 19 7.87 2.08 11.69
CA GLN A 19 7.80 2.03 10.23
C GLN A 19 7.36 3.36 9.63
N GLN A 20 8.25 4.33 9.85
CA GLN A 20 8.38 5.55 9.10
C GLN A 20 9.18 5.31 7.80
N LEU A 21 9.29 4.07 7.34
CA LEU A 21 10.14 3.75 6.21
C LEU A 21 9.26 3.39 5.02
N MET A 22 7.95 3.57 5.21
CA MET A 22 6.98 3.27 4.17
C MET A 22 7.34 4.09 2.94
N GLY A 23 7.27 3.46 1.75
CA GLY A 23 7.36 4.21 0.50
C GLY A 23 8.80 4.31 0.00
N SER A 24 9.74 3.93 0.88
CA SER A 24 11.06 3.51 0.46
C SER A 24 10.96 2.32 -0.48
N PRO A 25 11.90 2.17 -1.47
CA PRO A 25 12.04 0.99 -2.31
C PRO A 25 12.17 -0.26 -1.48
N VAL A 26 11.86 -1.37 -2.15
CA VAL A 26 11.69 -2.60 -1.44
C VAL A 26 12.10 -3.76 -2.35
N TYR A 27 12.50 -4.87 -1.71
CA TYR A 27 12.92 -6.07 -2.40
C TYR A 27 12.52 -7.28 -1.58
N ILE A 28 12.11 -8.35 -2.27
CA ILE A 28 11.71 -9.58 -1.61
C ILE A 28 12.52 -10.78 -2.10
N GLN A 29 12.85 -11.65 -1.14
CA GLN A 29 13.41 -12.96 -1.42
C GLN A 29 12.56 -14.00 -0.71
N ILE A 30 12.14 -15.03 -1.47
CA ILE A 30 11.44 -16.16 -0.87
C ILE A 30 12.34 -17.38 -0.83
N PHE A 31 12.20 -18.13 0.26
CA PHE A 31 12.89 -19.39 0.46
C PHE A 31 11.89 -20.52 0.73
N LYS A 32 11.69 -21.39 -0.26
CA LYS A 32 10.68 -22.45 -0.19
C LYS A 32 11.01 -23.42 0.95
N GLU A 33 12.26 -23.89 0.99
CA GLU A 33 12.65 -24.96 1.88
C GLU A 33 12.62 -24.47 3.32
N GLU A 34 13.00 -23.20 3.51
CA GLU A 34 13.03 -22.64 4.85
C GLU A 34 11.64 -22.12 5.25
N ARG A 35 10.70 -22.09 4.29
CA ARG A 35 9.35 -21.57 4.47
C ARG A 35 9.39 -20.19 5.11
N THR A 36 9.99 -19.24 4.39
CA THR A 36 10.02 -17.87 4.85
C THR A 36 10.22 -16.89 3.69
N LEU A 37 9.74 -15.64 3.92
CA LEU A 37 9.89 -14.53 3.00
C LEU A 37 10.60 -13.39 3.71
N ASP A 38 11.75 -12.98 3.19
CA ASP A 38 12.48 -11.85 3.74
C ASP A 38 12.08 -10.62 2.94
N LEU A 39 11.76 -9.54 3.65
CA LEU A 39 11.37 -8.28 3.03
C LEU A 39 12.34 -7.20 3.48
N TYR A 40 12.98 -6.58 2.46
CA TYR A 40 14.03 -5.61 2.63
C TYR A 40 13.57 -4.27 2.11
N VAL A 41 14.23 -3.22 2.63
CA VAL A 41 13.88 -1.85 2.33
C VAL A 41 15.13 -0.98 2.21
N LYS A 42 15.13 -0.12 1.18
CA LYS A 42 16.32 0.66 0.89
C LYS A 42 16.53 1.66 2.02
N MET A 43 17.70 1.55 2.64
CA MET A 43 18.20 2.52 3.58
C MET A 43 19.52 3.04 3.04
N GLY A 44 19.44 4.20 2.37
CA GLY A 44 20.56 4.79 1.66
C GLY A 44 20.91 3.96 0.44
N GLU A 45 22.12 3.37 0.48
CA GLU A 45 22.74 2.75 -0.67
C GLU A 45 22.47 1.23 -0.72
N GLN A 46 21.80 0.67 0.29
CA GLN A 46 21.67 -0.77 0.38
C GLN A 46 20.48 -1.11 1.29
N TYR A 47 19.86 -2.26 1.03
CA TYR A 47 18.62 -2.64 1.67
C TYR A 47 18.97 -3.34 3.00
N GLN A 48 18.06 -3.19 3.95
CA GLN A 48 18.27 -3.71 5.28
C GLN A 48 16.99 -4.49 5.58
N LEU A 49 17.13 -5.62 6.28
CA LEU A 49 15.96 -6.44 6.53
C LEU A 49 14.93 -5.64 7.31
N LEU A 50 13.76 -5.45 6.71
CA LEU A 50 12.66 -4.87 7.45
C LEU A 50 12.10 -5.87 8.44
N ASP A 51 11.51 -6.93 7.91
CA ASP A 51 11.00 -7.98 8.76
C ASP A 51 10.99 -9.23 7.87
N SER A 52 10.67 -10.40 8.45
CA SER A 52 10.49 -11.59 7.63
C SER A 52 9.44 -12.54 8.19
N TYR A 53 8.79 -13.26 7.30
CA TYR A 53 7.43 -13.73 7.51
C TYR A 53 7.32 -15.19 7.13
N LYS A 54 6.57 -15.98 7.91
CA LYS A 54 6.41 -17.41 7.64
C LYS A 54 5.52 -17.64 6.41
N ILE A 55 5.94 -18.51 5.51
CA ILE A 55 5.06 -18.97 4.43
C ILE A 55 4.25 -20.16 4.94
N CYS A 56 2.95 -19.97 5.18
CA CYS A 56 2.08 -21.06 5.59
C CYS A 56 2.08 -22.18 4.56
N LYS A 57 1.76 -21.92 3.30
CA LYS A 57 1.53 -23.00 2.33
C LYS A 57 2.05 -22.58 0.96
N TYR A 58 2.85 -23.46 0.32
CA TYR A 58 3.02 -23.41 -1.12
C TYR A 58 2.74 -24.80 -1.63
N SER A 59 3.00 -25.08 -2.90
CA SER A 59 2.67 -26.42 -3.34
C SER A 59 3.68 -26.96 -4.36
N GLY A 60 3.68 -28.30 -4.45
CA GLY A 60 4.47 -29.03 -5.41
C GLY A 60 5.93 -29.17 -4.96
N GLY A 61 6.24 -28.55 -3.79
CA GLY A 61 7.60 -28.44 -3.30
C GLY A 61 8.56 -27.99 -4.41
N LEU A 62 9.78 -28.58 -4.37
CA LEU A 62 10.93 -27.83 -4.86
C LEU A 62 10.98 -27.82 -6.37
N GLY A 63 11.40 -26.67 -6.92
CA GLY A 63 11.68 -26.50 -8.35
C GLY A 63 10.74 -25.50 -9.02
N PRO A 64 11.04 -24.98 -10.23
CA PRO A 64 10.20 -24.01 -10.89
C PRO A 64 9.01 -24.62 -11.62
N LYS A 65 8.14 -23.72 -12.11
CA LYS A 65 6.85 -24.05 -12.66
C LYS A 65 7.03 -24.08 -14.17
N GLN A 66 6.27 -24.98 -14.83
CA GLN A 66 6.59 -25.33 -16.22
C GLN A 66 5.37 -25.69 -17.06
N ARG A 67 4.50 -26.57 -16.56
CA ARG A 67 3.26 -26.90 -17.28
C ARG A 67 2.04 -26.49 -16.45
N GLN A 68 0.84 -26.58 -17.04
CA GLN A 68 -0.37 -26.12 -16.35
C GLN A 68 -0.66 -27.04 -15.18
N GLY A 69 -0.48 -28.34 -15.45
CA GLY A 69 -0.76 -29.34 -14.43
C GLY A 69 0.23 -29.28 -13.28
N ASP A 70 1.46 -28.80 -13.53
CA ASP A 70 2.48 -28.64 -12.50
C ASP A 70 1.80 -28.09 -11.26
N PHE A 71 1.91 -28.79 -10.13
CA PHE A 71 1.40 -28.17 -8.92
C PHE A 71 2.53 -27.32 -8.33
N LYS A 72 3.35 -26.70 -9.20
CA LYS A 72 4.57 -26.13 -8.70
C LYS A 72 4.37 -24.64 -8.55
N SER A 73 5.02 -24.12 -7.53
CA SER A 73 5.12 -22.69 -7.26
C SER A 73 6.44 -22.16 -7.82
N PRO A 74 6.46 -20.96 -8.41
CA PRO A 74 7.60 -20.58 -9.25
C PRO A 74 8.88 -20.25 -8.49
N GLU A 75 10.00 -20.25 -9.23
CA GLU A 75 11.34 -19.98 -8.75
C GLU A 75 12.00 -19.16 -9.86
N GLY A 76 12.79 -18.17 -9.49
CA GLY A 76 13.31 -17.27 -10.51
C GLY A 76 13.35 -15.82 -10.04
N PHE A 77 13.64 -14.90 -10.97
CA PHE A 77 13.64 -13.51 -10.60
C PHE A 77 12.47 -12.83 -11.30
N TYR A 78 11.64 -12.14 -10.50
CA TYR A 78 10.42 -11.53 -10.99
C TYR A 78 10.33 -10.07 -10.51
N SER A 79 9.43 -9.29 -11.16
CA SER A 79 9.18 -7.88 -10.87
C SER A 79 7.72 -7.75 -10.49
N VAL A 80 7.41 -6.83 -9.60
CA VAL A 80 6.02 -6.41 -9.41
C VAL A 80 5.80 -4.94 -9.75
N GLN A 81 4.65 -4.61 -10.36
CA GLN A 81 4.22 -3.23 -10.64
C GLN A 81 2.80 -2.91 -10.15
N ARG A 82 1.77 -2.76 -11.02
CA ARG A 82 0.40 -2.89 -10.55
C ARG A 82 -0.22 -4.18 -11.09
N ASN A 83 0.41 -5.24 -10.54
CA ASN A 83 -0.05 -6.61 -10.42
C ASN A 83 -0.60 -6.75 -8.99
N GLN A 84 -1.14 -5.67 -8.39
CA GLN A 84 -1.93 -5.83 -7.15
C GLN A 84 -3.41 -5.65 -7.45
N LEU A 85 -3.74 -5.51 -8.73
CA LEU A 85 -5.14 -5.55 -9.07
C LEU A 85 -5.71 -6.68 -8.22
N LYS A 86 -6.93 -6.54 -7.69
CA LYS A 86 -7.49 -7.60 -6.87
C LYS A 86 -8.10 -8.72 -7.73
N PRO A 87 -7.62 -9.99 -7.70
CA PRO A 87 -8.41 -11.16 -8.11
C PRO A 87 -8.88 -11.77 -6.80
N ASP A 88 -8.92 -10.88 -5.81
CA ASP A 88 -9.26 -11.27 -4.47
C ASP A 88 -10.55 -12.06 -4.53
N SER A 89 -11.23 -12.04 -5.70
CA SER A 89 -12.34 -12.94 -5.94
C SER A 89 -11.98 -14.28 -5.29
N ARG A 90 -10.68 -14.67 -5.36
CA ARG A 90 -10.23 -15.93 -4.79
C ARG A 90 -9.37 -15.70 -3.56
N TYR A 91 -8.44 -14.72 -3.63
CA TYR A 91 -7.39 -14.61 -2.62
C TYR A 91 -7.44 -13.27 -1.87
N TYR A 92 -6.67 -13.16 -0.78
CA TYR A 92 -6.60 -11.95 0.03
C TYR A 92 -5.25 -11.27 -0.14
N LYS A 93 -5.27 -10.13 -0.77
CA LYS A 93 -4.14 -9.25 -0.97
C LYS A 93 -3.14 -9.92 -1.89
N ALA A 94 -3.58 -10.34 -3.07
CA ALA A 94 -2.70 -11.02 -3.98
C ALA A 94 -1.75 -10.04 -4.65
N ILE A 95 -0.48 -10.39 -4.60
CA ILE A 95 0.56 -9.84 -5.47
C ILE A 95 0.91 -10.91 -6.51
N ASN A 96 0.61 -10.60 -7.76
CA ASN A 96 0.93 -11.50 -8.85
C ASN A 96 2.40 -11.30 -9.19
N ILE A 97 3.11 -12.44 -9.17
CA ILE A 97 4.53 -12.52 -9.41
C ILE A 97 4.81 -12.23 -10.87
N GLY A 98 3.81 -12.39 -11.71
CA GLY A 98 3.94 -12.06 -13.12
C GLY A 98 4.57 -13.19 -13.93
N PHE A 99 4.32 -14.41 -13.50
CA PHE A 99 4.70 -15.57 -14.26
C PHE A 99 3.72 -15.72 -15.43
N PRO A 100 4.18 -15.96 -16.67
CA PRO A 100 5.57 -16.30 -16.97
C PRO A 100 6.48 -15.10 -17.23
N ASN A 101 7.75 -15.14 -16.78
CA ASN A 101 8.68 -14.06 -17.02
C ASN A 101 9.40 -14.29 -18.36
N ALA A 102 10.52 -13.58 -18.55
CA ALA A 102 11.24 -13.61 -19.81
C ALA A 102 11.90 -14.98 -20.03
N TYR A 103 12.43 -15.51 -18.91
CA TYR A 103 12.99 -16.84 -18.86
C TYR A 103 11.91 -17.88 -19.13
N ASP A 104 10.82 -17.78 -18.37
CA ASP A 104 9.76 -18.79 -18.40
C ASP A 104 9.21 -18.91 -19.82
N ARG A 105 8.98 -17.76 -20.45
CA ARG A 105 8.47 -17.68 -21.81
C ARG A 105 9.47 -18.27 -22.79
N ALA A 106 10.75 -17.99 -22.55
CA ALA A 106 11.80 -18.51 -23.41
C ALA A 106 11.84 -20.06 -23.39
N HIS A 107 11.34 -20.70 -22.32
CA HIS A 107 11.24 -22.16 -22.29
C HIS A 107 9.81 -22.65 -22.61
N GLY A 108 8.93 -21.69 -22.85
CA GLY A 108 7.58 -21.95 -23.29
C GLY A 108 6.75 -22.64 -22.21
N TYR A 109 6.90 -22.10 -20.99
CA TYR A 109 6.13 -22.60 -19.87
C TYR A 109 4.81 -21.81 -19.83
N GLU A 110 3.76 -22.50 -19.39
CA GLU A 110 2.49 -21.85 -19.23
C GLU A 110 2.18 -21.86 -17.73
N GLY A 111 1.73 -20.69 -17.30
CA GLY A 111 0.90 -20.53 -16.13
C GLY A 111 0.24 -19.15 -16.15
N LYS A 112 -0.64 -18.95 -15.19
CA LYS A 112 -1.09 -17.64 -14.82
C LYS A 112 -1.49 -17.67 -13.34
N TYR A 113 -1.71 -16.50 -12.77
CA TYR A 113 -2.35 -16.36 -11.48
C TYR A 113 -1.51 -16.98 -10.38
N LEU A 114 -0.22 -16.72 -10.46
CA LEU A 114 0.70 -17.21 -9.44
C LEU A 114 1.01 -16.05 -8.50
N MET A 115 0.87 -16.28 -7.19
CA MET A 115 0.60 -15.19 -6.26
C MET A 115 1.41 -15.38 -5.01
N ILE A 116 1.73 -14.21 -4.44
CA ILE A 116 1.99 -14.13 -3.03
C ILE A 116 0.73 -13.54 -2.43
N HIS A 117 0.15 -14.27 -1.46
CA HIS A 117 -1.12 -13.84 -0.90
C HIS A 117 -1.28 -14.36 0.51
N GLY A 118 -2.38 -13.95 1.16
CA GLY A 118 -2.63 -14.34 2.54
C GLY A 118 -3.27 -15.71 2.68
N ASP A 119 -3.78 -16.00 3.87
CA ASP A 119 -4.20 -17.34 4.22
C ASP A 119 -5.38 -17.73 3.36
N CYS A 120 -5.15 -18.18 2.12
CA CYS A 120 -6.20 -18.75 1.30
C CYS A 120 -5.69 -20.05 0.71
N VAL A 121 -6.58 -20.84 0.10
CA VAL A 121 -6.24 -22.11 -0.50
C VAL A 121 -6.03 -21.96 -2.01
N SER A 122 -4.85 -22.33 -2.51
CA SER A 122 -4.41 -21.95 -3.85
C SER A 122 -3.56 -23.06 -4.45
N ILE A 123 -3.22 -22.97 -5.74
CA ILE A 123 -2.54 -24.08 -6.42
C ILE A 123 -1.06 -23.72 -6.53
N GLY A 124 -0.70 -22.60 -7.12
CA GLY A 124 0.73 -22.39 -7.36
C GLY A 124 1.36 -21.27 -6.54
N CYS A 125 0.75 -20.93 -5.42
CA CYS A 125 1.00 -19.62 -4.83
C CYS A 125 1.56 -19.81 -3.43
N TYR A 126 2.25 -18.76 -2.99
CA TYR A 126 2.82 -18.74 -1.66
C TYR A 126 1.88 -18.01 -0.72
N ALA A 127 1.52 -18.69 0.37
CA ALA A 127 0.44 -18.27 1.24
C ALA A 127 1.02 -17.84 2.56
N MET A 128 0.83 -16.56 2.86
CA MET A 128 1.32 -16.00 4.10
C MET A 128 0.20 -15.97 5.12
N THR A 129 0.52 -15.57 6.36
CA THR A 129 -0.56 -15.26 7.26
C THR A 129 -1.18 -13.94 6.80
N ASN A 130 -2.38 -13.69 7.30
CA ASN A 130 -3.07 -12.47 6.91
C ASN A 130 -2.33 -11.27 7.51
N GLN A 131 -1.88 -11.41 8.75
CA GLN A 131 -1.08 -10.35 9.35
C GLN A 131 0.10 -10.06 8.43
N GLY A 132 0.73 -11.14 7.92
CA GLY A 132 1.97 -11.01 7.17
C GLY A 132 1.81 -10.27 5.84
N ILE A 133 0.75 -10.62 5.14
CA ILE A 133 0.52 -10.04 3.84
C ILE A 133 0.18 -8.55 4.04
N ASP A 134 -0.56 -8.23 5.11
CA ASP A 134 -0.94 -6.84 5.37
C ASP A 134 0.33 -6.00 5.32
N GLU A 135 1.34 -6.46 6.06
CA GLU A 135 2.54 -5.67 6.28
C GLU A 135 3.28 -5.53 4.94
N ILE A 136 3.38 -6.67 4.21
CA ILE A 136 4.09 -6.72 2.93
C ILE A 136 3.45 -5.77 1.93
N PHE A 137 2.16 -5.98 1.69
CA PHE A 137 1.43 -5.34 0.61
C PHE A 137 1.46 -3.81 0.76
N GLN A 138 1.44 -3.33 1.99
CA GLN A 138 1.44 -1.90 2.23
C GLN A 138 2.78 -1.31 1.85
N PHE A 139 3.86 -2.08 2.07
CA PHE A 139 5.21 -1.58 1.89
C PHE A 139 5.54 -1.53 0.42
N VAL A 140 4.97 -2.52 -0.27
CA VAL A 140 5.08 -2.61 -1.71
C VAL A 140 4.36 -1.41 -2.33
N THR A 141 3.05 -1.31 -2.11
CA THR A 141 2.27 -0.23 -2.71
C THR A 141 2.93 1.09 -2.35
N GLY A 142 3.39 1.21 -1.09
CA GLY A 142 4.22 2.31 -0.63
C GLY A 142 5.31 2.66 -1.64
N ALA A 143 6.21 1.70 -1.84
CA ALA A 143 7.36 1.88 -2.72
C ALA A 143 6.96 2.36 -4.12
N LEU A 144 5.91 1.76 -4.70
CA LEU A 144 5.48 2.04 -6.07
C LEU A 144 4.88 3.43 -6.12
N VAL A 145 4.09 3.78 -5.10
CA VAL A 145 3.58 5.15 -5.03
C VAL A 145 4.74 6.12 -5.25
N PHE A 146 5.86 5.93 -4.54
CA PHE A 146 7.00 6.84 -4.62
C PHE A 146 8.05 6.26 -5.55
N GLY A 147 7.89 6.50 -6.86
CA GLY A 147 8.88 6.12 -7.85
C GLY A 147 8.90 4.61 -8.06
N GLN A 148 10.08 4.00 -7.87
CA GLN A 148 10.25 2.55 -7.78
C GLN A 148 9.48 1.87 -8.89
N PRO A 149 10.09 1.76 -10.09
CA PRO A 149 9.42 1.18 -11.25
C PRO A 149 8.96 -0.26 -10.98
N SER A 150 9.87 -1.10 -10.46
CA SER A 150 9.52 -2.44 -10.06
C SER A 150 9.93 -2.70 -8.62
N VAL A 151 9.24 -3.64 -8.00
CA VAL A 151 9.83 -4.40 -6.90
C VAL A 151 10.33 -5.71 -7.46
N GLN A 152 11.62 -5.99 -7.24
CA GLN A 152 12.21 -7.25 -7.68
C GLN A 152 11.91 -8.30 -6.60
N VAL A 153 11.69 -9.55 -7.04
CA VAL A 153 11.23 -10.64 -6.19
C VAL A 153 11.97 -11.92 -6.58
N SER A 154 12.99 -12.24 -5.81
CA SER A 154 13.81 -13.42 -6.04
C SER A 154 13.26 -14.65 -5.30
N ILE A 155 12.80 -15.65 -6.08
CA ILE A 155 12.25 -16.83 -5.46
C ILE A 155 13.23 -17.99 -5.67
N TYR A 156 13.69 -18.51 -4.53
CA TYR A 156 14.73 -19.50 -4.48
C TYR A 156 14.12 -20.77 -3.92
N PRO A 157 14.70 -21.97 -4.23
CA PRO A 157 14.27 -23.21 -3.58
C PRO A 157 14.71 -23.37 -2.13
N PHE A 158 15.76 -22.63 -1.76
CA PHE A 158 16.43 -22.74 -0.47
C PHE A 158 17.54 -21.72 -0.43
N ARG A 159 17.96 -21.35 0.79
CA ARG A 159 19.11 -20.46 0.88
C ARG A 159 20.29 -21.17 0.24
N MET A 160 20.97 -20.44 -0.65
CA MET A 160 21.82 -21.03 -1.68
C MET A 160 23.30 -20.96 -1.28
N THR A 161 23.53 -21.47 -0.07
CA THR A 161 24.85 -21.74 0.44
C THR A 161 25.35 -23.06 -0.15
N ASP A 162 26.65 -23.12 -0.44
CA ASP A 162 27.25 -24.28 -1.08
C ASP A 162 26.93 -25.54 -0.27
N ALA A 163 26.76 -25.36 1.04
CA ALA A 163 26.25 -26.40 1.92
C ALA A 163 24.96 -27.00 1.37
N ASN A 164 23.94 -26.15 1.15
CA ASN A 164 22.66 -26.56 0.61
C ASN A 164 22.77 -27.00 -0.85
N MET A 165 23.60 -26.29 -1.63
CA MET A 165 23.81 -26.63 -3.04
C MET A 165 24.36 -28.04 -3.18
N LYS A 166 25.14 -28.49 -2.18
CA LYS A 166 25.68 -29.85 -2.19
C LYS A 166 24.61 -30.84 -1.75
N ARG A 167 23.79 -30.48 -0.76
CA ARG A 167 22.74 -31.41 -0.36
C ARG A 167 21.87 -31.76 -1.57
N HIS A 168 21.88 -30.89 -2.58
CA HIS A 168 20.93 -30.95 -3.67
C HIS A 168 21.64 -31.06 -5.01
N LYS A 169 22.89 -31.57 -5.03
CA LYS A 169 23.42 -32.10 -6.28
C LYS A 169 22.50 -33.24 -6.64
N TYR A 170 22.65 -33.79 -7.84
CA TYR A 170 21.84 -34.93 -8.21
C TYR A 170 20.37 -34.57 -8.38
N SER A 171 19.98 -33.30 -8.22
CA SER A 171 18.65 -32.84 -8.56
C SER A 171 18.57 -32.53 -10.05
N ASN A 172 17.41 -32.79 -10.64
CA ASN A 172 17.15 -32.44 -12.04
C ASN A 172 17.46 -30.98 -12.31
N PHE A 173 17.42 -30.17 -11.27
CA PHE A 173 17.42 -28.73 -11.43
C PHE A 173 18.74 -28.11 -11.00
N LYS A 174 19.73 -28.96 -10.72
CA LYS A 174 21.04 -28.43 -10.34
C LYS A 174 21.28 -27.22 -11.26
N ASP A 175 21.20 -27.44 -12.57
CA ASP A 175 21.62 -26.42 -13.51
C ASP A 175 20.81 -25.14 -13.27
N PHE A 176 19.48 -25.33 -13.23
CA PHE A 176 18.60 -24.21 -13.00
C PHE A 176 19.02 -23.46 -11.74
N TRP A 177 19.01 -24.12 -10.60
CA TRP A 177 19.43 -23.51 -9.34
C TRP A 177 20.84 -22.85 -9.39
N GLU A 178 21.79 -23.49 -10.10
CA GLU A 178 23.12 -22.90 -10.30
C GLU A 178 22.96 -21.55 -11.00
N GLN A 179 21.85 -21.32 -11.71
CA GLN A 179 21.61 -20.03 -12.36
C GLN A 179 21.13 -19.00 -11.32
N LEU A 180 20.57 -19.47 -10.19
CA LEU A 180 20.03 -18.55 -9.21
C LEU A 180 21.10 -18.19 -8.19
N LYS A 181 21.97 -19.13 -7.86
CA LYS A 181 22.91 -18.94 -6.78
C LYS A 181 23.60 -17.58 -6.96
N PRO A 182 24.06 -17.23 -8.19
CA PRO A 182 24.78 -15.97 -8.40
C PRO A 182 24.01 -14.73 -7.93
N GLY A 183 22.69 -14.78 -8.14
CA GLY A 183 21.75 -13.79 -7.61
C GLY A 183 21.73 -13.79 -6.08
N TYR A 184 21.41 -14.94 -5.48
CA TYR A 184 21.41 -15.04 -4.03
C TYR A 184 22.74 -14.54 -3.49
N ASP A 185 23.83 -14.93 -4.15
CA ASP A 185 25.17 -14.57 -3.77
C ASP A 185 25.36 -13.05 -3.83
N TYR A 186 25.06 -12.45 -5.00
CA TYR A 186 25.21 -11.02 -5.18
C TYR A 186 24.57 -10.27 -4.02
N PHE A 187 23.39 -10.73 -3.58
CA PHE A 187 22.67 -9.96 -2.59
C PHE A 187 23.30 -10.08 -1.20
N GLU A 188 23.71 -11.29 -0.79
CA GLU A 188 24.25 -11.42 0.57
C GLU A 188 25.56 -10.66 0.63
N GLN A 189 26.19 -10.51 -0.54
CA GLN A 189 27.45 -9.81 -0.67
C GLN A 189 27.27 -8.28 -0.68
N THR A 190 26.37 -7.74 -1.54
CA THR A 190 26.28 -6.31 -1.78
C THR A 190 25.06 -5.68 -1.11
N ARG A 191 24.05 -6.50 -0.84
CA ARG A 191 22.80 -5.96 -0.33
C ARG A 191 22.25 -4.96 -1.34
N LYS A 192 22.38 -5.30 -2.62
CA LYS A 192 21.65 -4.62 -3.68
C LYS A 192 20.99 -5.67 -4.55
N PRO A 193 19.70 -5.47 -4.93
CA PRO A 193 19.03 -6.36 -5.88
C PRO A 193 19.89 -6.68 -7.09
N PRO A 194 19.93 -7.98 -7.50
CA PRO A 194 20.81 -8.42 -8.57
C PRO A 194 20.30 -7.88 -9.88
N THR A 195 21.24 -7.44 -10.72
CA THR A 195 20.90 -7.05 -12.05
C THR A 195 20.90 -8.32 -12.89
N VAL A 196 19.70 -8.83 -13.17
CA VAL A 196 19.58 -10.11 -13.82
C VAL A 196 18.94 -9.91 -15.19
N SER A 197 19.25 -10.83 -16.10
CA SER A 197 18.61 -10.82 -17.41
C SER A 197 18.80 -12.16 -18.07
N VAL A 198 17.84 -12.50 -18.93
CA VAL A 198 17.88 -13.78 -19.58
C VAL A 198 18.69 -13.63 -20.85
N VAL A 199 19.57 -14.58 -21.17
CA VAL A 199 20.36 -14.48 -22.37
C VAL A 199 19.86 -15.50 -23.36
N ASN A 200 20.22 -16.79 -23.22
CA ASN A 200 19.69 -17.73 -24.20
C ASN A 200 18.99 -18.85 -23.45
N GLY A 201 17.88 -18.45 -22.84
CA GLY A 201 17.19 -19.31 -21.91
C GLY A 201 17.92 -19.45 -20.59
N ARG A 202 18.74 -18.46 -20.27
CA ARG A 202 19.53 -18.58 -19.06
C ARG A 202 19.67 -17.24 -18.38
N TYR A 203 19.39 -17.24 -17.06
CA TYR A 203 19.64 -16.07 -16.26
C TYR A 203 21.13 -15.83 -16.15
N VAL A 204 21.48 -14.57 -16.29
CA VAL A 204 22.85 -14.12 -16.12
C VAL A 204 22.85 -12.93 -15.17
N VAL A 205 23.70 -13.00 -14.16
CA VAL A 205 23.64 -12.01 -13.10
C VAL A 205 24.78 -11.02 -13.29
N SER A 206 24.45 -9.77 -13.57
CA SER A 206 25.54 -8.87 -13.88
C SER A 206 26.22 -8.43 -12.60
N LYS A 207 27.35 -7.79 -12.86
CA LYS A 207 28.46 -7.64 -11.96
C LYS A 207 29.44 -6.71 -12.67
N PRO A 208 29.85 -5.57 -12.04
CA PRO A 208 30.61 -4.49 -12.70
C PRO A 208 31.90 -4.88 -13.44
N LEU A 209 32.41 -4.01 -14.34
CA LEU A 209 33.70 -4.22 -15.00
C LEU A 209 34.81 -3.46 -14.26
N SER A 210 36.02 -3.40 -14.84
CA SER A 210 37.25 -2.95 -14.19
C SER A 210 37.41 -1.41 -14.13
N HIS A 211 36.55 -0.72 -13.35
CA HIS A 211 36.64 0.73 -13.14
C HIS A 211 35.65 1.23 -12.07
N LYS B 18 -15.46 -9.21 2.14
CA LYS B 18 -14.03 -9.06 1.80
C LYS B 18 -13.91 -7.74 1.08
N GLN B 19 -12.88 -6.96 1.41
CA GLN B 19 -12.48 -5.79 0.65
C GLN B 19 -11.34 -6.20 -0.34
N GLN B 20 -11.89 -6.75 -1.41
CA GLN B 20 -11.39 -6.81 -2.77
C GLN B 20 -11.72 -5.52 -3.51
N LEU B 21 -11.98 -4.41 -2.81
CA LEU B 21 -12.32 -3.15 -3.47
C LEU B 21 -11.13 -2.19 -3.32
N MET B 22 -10.01 -2.73 -2.80
CA MET B 22 -8.82 -1.94 -2.61
C MET B 22 -8.45 -1.27 -3.94
N GLY B 23 -8.09 0.02 -3.93
CA GLY B 23 -7.46 0.61 -5.09
C GLY B 23 -8.47 1.22 -6.04
N SER B 24 -9.75 0.97 -5.73
CA SER B 24 -10.80 1.75 -6.34
C SER B 24 -10.72 3.15 -5.72
N PRO B 25 -11.18 4.22 -6.41
CA PRO B 25 -11.24 5.55 -5.80
C PRO B 25 -12.04 5.54 -4.51
N VAL B 26 -11.83 6.59 -3.73
CA VAL B 26 -12.20 6.57 -2.33
C VAL B 26 -12.37 8.02 -1.85
N TYR B 27 -13.23 8.22 -0.85
CA TYR B 27 -13.54 9.56 -0.37
C TYR B 27 -13.82 9.52 1.11
N ILE B 28 -13.51 10.63 1.81
CA ILE B 28 -13.62 10.71 3.25
C ILE B 28 -14.44 11.92 3.69
N GLN B 29 -15.22 11.72 4.76
CA GLN B 29 -15.98 12.77 5.42
C GLN B 29 -15.65 12.68 6.90
N ILE B 30 -15.27 13.81 7.54
CA ILE B 30 -15.06 13.85 8.98
C ILE B 30 -16.17 14.68 9.64
N PHE B 31 -16.58 14.22 10.83
CA PHE B 31 -17.61 14.85 11.62
C PHE B 31 -17.08 15.10 13.04
N LYS B 32 -16.74 16.36 13.36
CA LYS B 32 -15.90 16.66 14.52
C LYS B 32 -16.66 16.38 15.82
N GLU B 33 -17.90 16.87 15.87
CA GLU B 33 -18.72 16.76 17.06
C GLU B 33 -19.09 15.30 17.32
N GLU B 34 -19.40 14.57 16.24
CA GLU B 34 -19.83 13.18 16.33
C GLU B 34 -18.61 12.29 16.50
N ARG B 35 -17.41 12.88 16.39
CA ARG B 35 -16.16 12.17 16.59
C ARG B 35 -16.14 10.90 15.75
N THR B 36 -16.27 11.04 14.43
CA THR B 36 -16.20 9.89 13.52
C THR B 36 -15.75 10.33 12.12
N LEU B 37 -15.16 9.37 11.40
CA LEU B 37 -14.70 9.53 10.03
C LEU B 37 -15.33 8.44 9.18
N ASP B 38 -16.13 8.86 8.20
CA ASP B 38 -16.78 7.94 7.29
C ASP B 38 -15.85 7.79 6.09
N LEU B 39 -15.62 6.55 5.63
CA LEU B 39 -14.78 6.27 4.48
C LEU B 39 -15.58 5.52 3.42
N TYR B 40 -15.66 6.08 2.21
CA TYR B 40 -16.49 5.57 1.12
C TYR B 40 -15.63 5.17 -0.08
N VAL B 41 -16.18 4.30 -0.93
CA VAL B 41 -15.47 3.77 -2.08
C VAL B 41 -16.34 3.74 -3.32
N LYS B 42 -15.77 4.19 -4.44
CA LYS B 42 -16.40 4.19 -5.76
C LYS B 42 -16.77 2.75 -6.14
N MET B 43 -18.08 2.49 -6.26
CA MET B 43 -18.59 1.21 -6.71
C MET B 43 -19.44 1.45 -7.96
N GLY B 44 -18.83 1.26 -9.14
CA GLY B 44 -19.41 1.75 -10.37
C GLY B 44 -19.40 3.28 -10.37
N GLU B 45 -20.60 3.89 -10.28
CA GLU B 45 -20.74 5.34 -10.44
C GLU B 45 -21.33 6.01 -9.19
N GLN B 46 -21.10 5.44 -8.00
CA GLN B 46 -21.47 6.11 -6.77
C GLN B 46 -20.74 5.46 -5.60
N TYR B 47 -20.33 6.29 -4.62
CA TYR B 47 -19.50 5.83 -3.52
C TYR B 47 -20.39 5.24 -2.44
N GLN B 48 -19.95 4.11 -1.87
CA GLN B 48 -20.72 3.38 -0.87
C GLN B 48 -19.82 3.19 0.33
N LEU B 49 -20.41 3.25 1.53
CA LEU B 49 -19.65 3.21 2.76
C LEU B 49 -18.83 1.94 2.88
N LEU B 50 -17.51 2.12 3.01
CA LEU B 50 -16.61 1.04 3.36
C LEU B 50 -16.71 0.73 4.84
N ASP B 51 -16.24 1.67 5.67
CA ASP B 51 -16.32 1.50 7.10
C ASP B 51 -16.23 2.90 7.69
N SER B 52 -16.35 3.04 9.02
CA SER B 52 -16.18 4.34 9.64
C SER B 52 -15.63 4.23 11.07
N TYR B 53 -14.80 5.21 11.44
CA TYR B 53 -13.75 5.00 12.41
C TYR B 53 -13.81 6.08 13.50
N LYS B 54 -13.45 5.70 14.74
CA LYS B 54 -13.63 6.55 15.92
C LYS B 54 -12.45 7.51 16.08
N ILE B 55 -12.74 8.81 16.13
CA ILE B 55 -11.72 9.83 16.31
C ILE B 55 -11.45 9.98 17.82
N CYS B 56 -10.28 9.48 18.26
CA CYS B 56 -9.89 9.50 19.66
C CYS B 56 -9.64 10.95 20.10
N LYS B 57 -8.90 11.73 19.29
CA LYS B 57 -8.54 13.08 19.64
C LYS B 57 -8.55 14.04 18.45
N TYR B 58 -9.20 15.19 18.65
CA TYR B 58 -8.86 16.41 17.94
C TYR B 58 -8.68 17.49 18.99
N SER B 59 -8.57 18.74 18.57
CA SER B 59 -8.21 19.79 19.50
C SER B 59 -8.83 21.12 19.06
N GLY B 60 -8.89 22.05 20.01
CA GLY B 60 -9.45 23.36 19.77
C GLY B 60 -10.96 23.31 19.54
N GLY B 61 -11.57 22.15 19.80
CA GLY B 61 -12.97 21.91 19.52
C GLY B 61 -13.39 22.41 18.14
N LEU B 62 -14.62 22.96 18.11
CA LEU B 62 -15.30 23.36 16.90
C LEU B 62 -14.59 24.58 16.29
N GLY B 63 -14.53 24.61 14.95
CA GLY B 63 -14.09 25.77 14.19
C GLY B 63 -12.76 25.52 13.45
N PRO B 64 -12.50 26.25 12.35
CA PRO B 64 -11.30 26.02 11.53
C PRO B 64 -10.05 26.76 11.98
N LYS B 65 -8.94 26.55 11.25
CA LYS B 65 -7.62 27.01 11.64
C LYS B 65 -7.30 28.35 10.95
N GLN B 66 -6.57 29.25 11.65
CA GLN B 66 -6.23 30.56 11.12
C GLN B 66 -4.84 31.08 11.50
N ARG B 67 -4.36 30.87 12.73
CA ARG B 67 -3.06 31.41 13.13
C ARG B 67 -2.08 30.32 13.55
N GLY B 69 -0.28 29.94 16.12
CA GLY B 69 -0.42 29.40 17.49
C GLY B 69 -1.83 28.88 17.81
N ASP B 70 -2.79 29.14 16.92
CA ASP B 70 -4.11 28.51 17.01
C ASP B 70 -3.95 27.01 17.27
N PHE B 71 -4.76 26.51 18.22
CA PHE B 71 -4.79 25.11 18.58
C PHE B 71 -6.06 24.44 18.05
N LYS B 72 -6.48 24.85 16.84
CA LYS B 72 -7.69 24.31 16.25
C LYS B 72 -7.29 23.28 15.20
N SER B 73 -8.24 22.37 14.92
CA SER B 73 -8.08 21.40 13.84
C SER B 73 -8.89 21.87 12.64
N PRO B 74 -8.36 21.80 11.40
CA PRO B 74 -8.96 22.47 10.25
C PRO B 74 -10.29 21.91 9.77
N GLU B 75 -11.07 22.77 9.09
CA GLU B 75 -12.34 22.39 8.49
C GLU B 75 -12.33 22.86 7.02
N GLY B 76 -12.91 22.07 6.09
CA GLY B 76 -13.06 22.47 4.69
C GLY B 76 -12.79 21.37 3.67
N TYR B 78 -10.36 19.27 1.00
CA TYR B 78 -8.88 19.18 0.86
C TYR B 78 -8.52 17.96 0.01
N SER B 79 -7.47 18.06 -0.83
CA SER B 79 -6.91 16.93 -1.58
C SER B 79 -5.65 16.39 -0.92
N VAL B 80 -5.16 15.24 -1.38
CA VAL B 80 -3.97 14.66 -0.79
C VAL B 80 -2.84 14.53 -1.81
N GLN B 81 -2.86 13.56 -2.72
CA GLN B 81 -1.66 13.13 -3.45
C GLN B 81 -0.56 12.68 -2.47
N ARG B 82 0.73 12.85 -2.79
CA ARG B 82 1.82 12.20 -2.04
C ARG B 82 2.48 13.22 -1.11
N ASN B 83 1.59 13.58 -0.18
CA ASN B 83 1.90 14.15 1.09
C ASN B 83 1.67 13.11 2.19
N GLN B 84 1.78 11.82 1.90
CA GLN B 84 1.59 10.82 2.96
C GLN B 84 2.94 10.22 3.41
N LEU B 85 4.04 10.66 2.76
CA LEU B 85 5.38 10.49 3.33
C LEU B 85 5.29 10.60 4.85
N LYS B 86 5.81 9.64 5.62
CA LYS B 86 5.66 9.72 7.05
C LYS B 86 6.53 10.85 7.62
N PRO B 87 6.22 11.47 8.78
CA PRO B 87 7.17 12.30 9.52
C PRO B 87 7.58 11.36 10.67
N SER B 89 8.40 10.38 12.39
CA SER B 89 9.27 11.15 13.31
C SER B 89 8.43 11.61 14.48
N ARG B 90 7.22 12.08 14.18
CA ARG B 90 6.29 12.45 15.24
C ARG B 90 5.09 11.52 15.21
N TYR B 91 4.63 11.22 13.99
CA TYR B 91 3.36 10.55 13.83
C TYR B 91 3.52 9.26 13.04
N TYR B 92 2.49 8.41 13.21
CA TYR B 92 2.32 7.11 12.60
C TYR B 92 1.32 7.22 11.46
N LYS B 93 1.85 7.05 10.26
CA LYS B 93 1.05 6.96 9.08
C LYS B 93 0.32 8.27 8.85
N ALA B 94 1.07 9.38 8.83
CA ALA B 94 0.32 10.65 8.80
C ALA B 94 -0.12 10.94 7.36
N ILE B 95 -1.39 11.29 7.18
CA ILE B 95 -1.88 11.82 5.91
C ILE B 95 -1.98 13.33 6.03
N ASN B 96 -1.19 14.06 5.23
CA ASN B 96 -1.16 15.51 5.31
C ASN B 96 -2.34 16.05 4.51
N ILE B 97 -3.15 16.83 5.23
CA ILE B 97 -4.35 17.42 4.69
C ILE B 97 -3.98 18.46 3.65
N GLY B 98 -2.76 19.01 3.76
CA GLY B 98 -2.23 19.99 2.82
C GLY B 98 -2.78 21.39 3.10
N PHE B 99 -3.02 21.65 4.39
CA PHE B 99 -3.34 22.99 4.85
C PHE B 99 -2.03 23.80 4.84
N PRO B 100 -1.99 25.01 4.26
CA PRO B 100 -3.19 25.77 3.89
C PRO B 100 -3.66 25.54 2.45
N ASN B 101 -4.98 25.50 2.20
CA ASN B 101 -5.49 25.27 0.85
C ASN B 101 -5.66 26.62 0.15
N ALA B 102 -6.40 26.65 -0.98
CA ALA B 102 -6.51 27.88 -1.75
C ALA B 102 -7.35 28.93 -0.99
N TYR B 103 -8.39 28.44 -0.30
CA TYR B 103 -9.24 29.25 0.54
C TYR B 103 -8.44 29.78 1.72
N ASP B 104 -7.73 28.87 2.40
CA ASP B 104 -7.00 29.21 3.61
C ASP B 104 -6.02 30.33 3.24
N ARG B 105 -5.27 30.11 2.16
CA ARG B 105 -4.39 31.11 1.60
C ARG B 105 -5.21 32.23 0.97
N HIS B 107 -7.45 33.90 2.29
CA HIS B 107 -7.33 34.63 3.60
C HIS B 107 -5.99 34.26 4.23
N TYR B 109 -3.52 32.40 6.65
CA TYR B 109 -3.68 31.38 7.73
C TYR B 109 -2.47 30.44 7.80
N TYR B 113 1.49 21.36 9.18
CA TYR B 113 1.65 19.86 9.25
C TYR B 113 0.45 19.31 9.99
N LEU B 114 -0.72 19.61 9.44
CA LEU B 114 -1.96 19.10 9.97
C LEU B 114 -2.32 17.81 9.24
N MET B 115 -2.71 16.82 10.05
CA MET B 115 -2.62 15.42 9.66
C MET B 115 -3.89 14.70 10.07
N ILE B 116 -4.18 13.62 9.34
CA ILE B 116 -4.88 12.48 9.92
C ILE B 116 -3.83 11.41 10.25
N HIS B 117 -3.85 10.90 11.49
CA HIS B 117 -2.89 9.90 11.93
C HIS B 117 -3.48 9.06 13.06
N GLY B 118 -2.69 8.07 13.50
CA GLY B 118 -3.14 7.16 14.56
C GLY B 118 -2.91 7.70 15.97
N ASP B 119 -3.03 6.81 16.96
CA ASP B 119 -2.98 7.16 18.37
C ASP B 119 -1.66 7.90 18.50
N CYS B 120 -1.67 9.20 18.63
CA CYS B 120 -0.47 9.94 19.01
C CYS B 120 -1.02 11.25 19.53
N VAL B 121 -0.13 12.00 20.15
CA VAL B 121 -0.49 13.30 20.72
C VAL B 121 0.08 14.38 19.80
N SER B 122 -0.83 15.21 19.25
CA SER B 122 -0.46 16.20 18.26
C SER B 122 -1.11 17.54 18.55
N ILE B 123 -0.74 18.55 17.78
CA ILE B 123 -1.21 19.92 18.01
C ILE B 123 -2.62 20.05 17.44
N GLY B 124 -2.77 19.84 16.13
CA GLY B 124 -4.08 20.04 15.52
C GLY B 124 -4.76 18.72 15.15
N CYS B 125 -3.93 17.82 14.66
CA CYS B 125 -4.33 16.74 13.78
C CYS B 125 -5.44 15.87 14.35
N TYR B 126 -6.02 15.05 13.45
CA TYR B 126 -7.12 14.16 13.81
C TYR B 126 -6.60 12.78 14.09
N ALA B 127 -6.92 12.24 15.28
CA ALA B 127 -6.20 11.08 15.82
C ALA B 127 -7.13 9.88 15.89
N MET B 128 -6.77 8.84 15.12
CA MET B 128 -7.58 7.65 15.02
C MET B 128 -6.99 6.56 15.90
N THR B 129 -7.66 5.40 15.94
CA THR B 129 -7.00 4.21 16.45
C THR B 129 -6.00 3.78 15.38
N ASN B 130 -4.99 3.02 15.83
CA ASN B 130 -3.92 2.56 14.96
C ASN B 130 -4.51 1.56 13.98
N GLN B 131 -5.41 0.71 14.44
CA GLN B 131 -6.12 -0.21 13.56
C GLN B 131 -6.79 0.65 12.47
N GLY B 132 -7.44 1.74 12.86
CA GLY B 132 -8.21 2.52 11.92
C GLY B 132 -7.37 3.19 10.85
N ILE B 133 -6.25 3.77 11.24
CA ILE B 133 -5.40 4.45 10.28
C ILE B 133 -4.85 3.42 9.31
N ASP B 134 -4.49 2.22 9.81
CA ASP B 134 -3.95 1.14 8.97
C ASP B 134 -4.90 0.94 7.80
N GLU B 135 -6.21 0.82 8.12
CA GLU B 135 -7.23 0.45 7.15
C GLU B 135 -7.37 1.59 6.14
N ILE B 136 -7.38 2.81 6.68
CA ILE B 136 -7.59 3.99 5.86
C ILE B 136 -6.43 4.17 4.90
N PHE B 137 -5.23 4.24 5.47
CA PHE B 137 -4.02 4.60 4.73
C PHE B 137 -3.84 3.64 3.55
N GLN B 138 -4.18 2.37 3.76
CA GLN B 138 -3.99 1.35 2.73
C GLN B 138 -4.92 1.62 1.53
N PHE B 139 -6.14 2.08 1.82
CA PHE B 139 -7.16 2.23 0.80
C PHE B 139 -6.91 3.48 -0.05
N VAL B 140 -6.40 4.49 0.64
CA VAL B 140 -5.99 5.71 0.00
C VAL B 140 -4.83 5.37 -0.94
N THR B 141 -3.72 4.86 -0.40
CA THR B 141 -2.56 4.58 -1.23
C THR B 141 -3.00 3.66 -2.37
N GLY B 142 -3.93 2.76 -2.05
CA GLY B 142 -4.53 1.92 -3.07
C GLY B 142 -5.07 2.74 -4.22
N ALA B 143 -6.03 3.62 -3.89
CA ALA B 143 -6.67 4.48 -4.87
C ALA B 143 -5.64 5.28 -5.65
N LEU B 144 -4.67 5.88 -4.93
CA LEU B 144 -3.57 6.64 -5.52
C LEU B 144 -2.81 5.79 -6.54
N VAL B 145 -2.35 4.62 -6.11
CA VAL B 145 -1.62 3.76 -7.03
C VAL B 145 -2.39 3.64 -8.34
N PHE B 146 -3.71 3.38 -8.30
CA PHE B 146 -4.49 3.17 -9.50
C PHE B 146 -5.25 4.44 -9.84
N GLY B 147 -4.59 5.29 -10.63
CA GLY B 147 -5.20 6.49 -11.16
C GLY B 147 -5.44 7.52 -10.06
N GLN B 148 -6.68 7.98 -9.95
CA GLN B 148 -7.11 8.76 -8.79
C GLN B 148 -6.14 9.90 -8.50
N PRO B 149 -6.25 10.99 -9.28
CA PRO B 149 -5.30 12.10 -9.19
C PRO B 149 -5.15 12.64 -7.77
N SER B 150 -6.29 12.89 -7.12
CA SER B 150 -6.35 13.32 -5.73
C SER B 150 -7.35 12.44 -5.01
N VAL B 151 -7.19 12.33 -3.68
CA VAL B 151 -8.30 11.90 -2.84
C VAL B 151 -8.77 13.13 -2.10
N GLN B 152 -10.06 13.48 -2.30
CA GLN B 152 -10.64 14.62 -1.60
C GLN B 152 -11.07 14.18 -0.19
N VAL B 153 -11.01 15.12 0.76
CA VAL B 153 -11.44 14.93 2.14
C VAL B 153 -12.22 16.15 2.65
N SER B 154 -13.49 15.89 2.99
CA SER B 154 -14.41 16.91 3.51
C SER B 154 -14.36 16.92 5.03
N ILE B 155 -13.89 18.02 5.63
CA ILE B 155 -13.86 18.11 7.08
C ILE B 155 -14.90 19.12 7.55
N TYR B 156 -15.90 18.61 8.30
CA TYR B 156 -17.00 19.41 8.79
C TYR B 156 -16.92 19.51 10.31
N PRO B 157 -17.49 20.58 10.94
CA PRO B 157 -17.60 20.66 12.40
C PRO B 157 -18.67 19.73 12.98
N PHE B 158 -19.61 19.30 12.14
CA PHE B 158 -20.70 18.45 12.60
C PHE B 158 -21.50 17.96 11.40
N ARG B 159 -22.28 16.90 11.62
CA ARG B 159 -23.33 16.48 10.68
C ARG B 159 -24.20 17.68 10.38
N MET B 160 -24.38 18.02 9.10
CA MET B 160 -24.97 19.30 8.75
C MET B 160 -26.44 19.15 8.35
N THR B 161 -27.23 18.56 9.24
CA THR B 161 -28.68 18.61 9.15
C THR B 161 -29.14 19.90 9.83
N ASP B 162 -30.18 20.53 9.29
CA ASP B 162 -30.63 21.83 9.76
C ASP B 162 -30.90 21.77 11.27
N ALA B 163 -31.22 20.57 11.78
CA ALA B 163 -31.29 20.34 13.21
C ALA B 163 -30.06 20.91 13.92
N ASN B 164 -28.90 20.42 13.51
CA ASN B 164 -27.60 20.82 14.05
C ASN B 164 -27.26 22.25 13.69
N MET B 165 -27.59 22.62 12.44
CA MET B 165 -27.28 23.93 11.90
C MET B 165 -27.95 25.01 12.74
N LYS B 166 -29.14 24.71 13.26
CA LYS B 166 -29.87 25.70 14.02
C LYS B 166 -29.26 25.75 15.42
N ARG B 167 -28.88 24.58 15.94
CA ARG B 167 -27.95 24.58 17.06
C ARG B 167 -26.69 25.35 16.62
N LYS B 169 -26.14 28.16 15.13
CA LYS B 169 -26.33 29.60 14.79
C LYS B 169 -25.62 30.47 15.83
N TYR B 170 -25.48 31.77 15.54
CA TYR B 170 -24.91 32.72 16.48
C TYR B 170 -23.46 32.36 16.83
N SER B 171 -22.87 31.36 16.17
CA SER B 171 -21.47 31.05 16.33
C SER B 171 -20.65 31.97 15.42
N ASN B 172 -19.41 32.26 15.82
CA ASN B 172 -18.51 33.08 15.01
C ASN B 172 -18.23 32.39 13.69
N PHE B 173 -18.62 31.12 13.58
CA PHE B 173 -18.28 30.25 12.47
C PHE B 173 -19.52 30.00 11.60
N LYS B 174 -20.67 30.58 11.97
CA LYS B 174 -21.94 30.25 11.36
C LYS B 174 -21.80 30.43 9.85
N ASP B 175 -21.26 31.56 9.40
CA ASP B 175 -21.16 31.84 7.98
C ASP B 175 -20.34 30.76 7.30
N PHE B 176 -19.20 30.42 7.91
CA PHE B 176 -18.37 29.31 7.45
C PHE B 176 -19.03 27.97 7.80
N GLU B 178 -22.11 27.46 6.93
CA GLU B 178 -23.14 27.67 5.86
C GLU B 178 -22.51 27.57 4.47
N GLN B 179 -21.17 27.78 4.38
CA GLN B 179 -20.45 27.55 3.14
C GLN B 179 -20.28 26.05 2.91
N LEU B 180 -20.35 25.27 3.98
CA LEU B 180 -20.01 23.84 3.96
C LEU B 180 -21.27 22.99 3.80
N LYS B 181 -22.41 23.49 4.30
CA LYS B 181 -23.66 22.75 4.19
C LYS B 181 -23.83 22.24 2.76
N PRO B 182 -23.65 23.08 1.71
CA PRO B 182 -23.86 22.64 0.32
C PRO B 182 -23.05 21.39 -0.02
N GLY B 183 -21.83 21.34 0.51
CA GLY B 183 -20.94 20.19 0.41
C GLY B 183 -21.56 18.94 1.04
N TYR B 184 -21.85 19.04 2.35
CA TYR B 184 -22.46 17.94 3.05
C TYR B 184 -23.71 17.48 2.30
N ASP B 185 -24.52 18.46 1.88
CA ASP B 185 -25.79 18.21 1.19
C ASP B 185 -25.57 17.46 -0.13
N TYR B 186 -24.67 17.99 -0.96
CA TYR B 186 -24.36 17.41 -2.26
C TYR B 186 -24.16 15.90 -2.12
N PHE B 187 -23.36 15.51 -1.11
CA PHE B 187 -22.88 14.15 -1.02
C PHE B 187 -24.00 13.21 -0.55
N GLU B 188 -24.80 13.66 0.43
CA GLU B 188 -25.86 12.82 0.99
C GLU B 188 -26.90 12.58 -0.10
N GLN B 189 -27.01 13.53 -1.03
CA GLN B 189 -27.97 13.42 -2.11
C GLN B 189 -27.46 12.58 -3.28
N THR B 190 -26.22 12.85 -3.74
CA THR B 190 -25.71 12.28 -4.99
C THR B 190 -24.70 11.16 -4.76
N ARG B 191 -24.04 11.19 -3.60
CA ARG B 191 -23.01 10.23 -3.25
C ARG B 191 -21.84 10.38 -4.21
N LYS B 192 -21.48 11.64 -4.48
CA LYS B 192 -20.35 12.00 -5.32
C LYS B 192 -19.55 13.10 -4.60
N PRO B 193 -18.20 13.05 -4.54
CA PRO B 193 -17.41 14.13 -3.94
C PRO B 193 -17.69 15.50 -4.59
N PRO B 194 -17.95 16.58 -3.83
CA PRO B 194 -18.32 17.86 -4.44
C PRO B 194 -17.17 18.52 -5.20
N THR B 195 -17.55 19.10 -6.35
CA THR B 195 -16.67 19.97 -7.11
C THR B 195 -16.68 21.32 -6.43
N VAL B 196 -15.57 21.69 -5.79
CA VAL B 196 -15.46 22.89 -5.00
C VAL B 196 -14.44 23.86 -5.61
N SER B 197 -14.64 25.18 -5.35
CA SER B 197 -13.61 26.20 -5.51
C SER B 197 -13.88 27.41 -4.60
N ASN B 200 -14.04 33.94 -4.55
CA ASN B 200 -13.53 35.10 -3.77
C ASN B 200 -13.68 34.84 -2.28
N GLY B 201 -12.74 34.08 -1.71
CA GLY B 201 -12.65 33.93 -0.27
C GLY B 201 -13.81 33.11 0.29
N ARG B 202 -14.46 32.35 -0.58
CA ARG B 202 -15.68 31.66 -0.21
C ARG B 202 -15.89 30.40 -1.07
N TYR B 203 -16.17 29.29 -0.39
CA TYR B 203 -16.32 28.01 -1.06
C TYR B 203 -17.65 27.96 -1.82
N VAL B 204 -17.58 27.45 -3.07
CA VAL B 204 -18.74 27.22 -3.90
C VAL B 204 -18.64 25.85 -4.57
N VAL B 205 -19.77 25.14 -4.69
CA VAL B 205 -19.85 23.81 -5.27
C VAL B 205 -20.76 23.81 -6.51
N SER B 206 -20.90 22.69 -7.21
CA SER B 206 -21.91 22.51 -8.26
C SER B 206 -23.22 21.94 -7.67
#